data_4QIP
#
_entry.id   4QIP
#
_cell.length_a   32.710
_cell.length_b   55.590
_cell.length_c   37.910
_cell.angle_alpha   90.000
_cell.angle_beta   93.710
_cell.angle_gamma   90.000
#
_symmetry.space_group_name_H-M   'P 1 21 1'
#
loop_
_entity.id
_entity.type
_entity.pdbx_description
1 polymer 'Major pollen allergen Bet v 1-A'
2 non-polymer 'DODECYL SULFATE'
3 non-polymer 'SULFATE ION'
4 water water
#
_entity_poly.entity_id   1
_entity_poly.type   'polypeptide(L)'
_entity_poly.pdbx_seq_one_letter_code
;GVFNYETETTSVIPAARLFKAFILDGDNLFPKVAPQAISSVENIEGNGGPGTIKKISFPEGFPFKYVKDRVDEVDHTNFK
YNYSVIEGGPIGDTLEKISNEIKIVATPDGGSILKISNKYHTKGDHEVKAEQVKASKEMGETLLRAVESYLLAHSDAYN
;
_entity_poly.pdbx_strand_id   A
#
# COMPACT_ATOMS: atom_id res chain seq x y z
N GLY A 1 -0.81 -12.16 -18.99
CA GLY A 1 0.56 -11.61 -18.92
C GLY A 1 0.74 -10.62 -17.79
N VAL A 2 1.97 -10.14 -17.62
CA VAL A 2 2.29 -9.22 -16.53
C VAL A 2 2.84 -7.89 -17.05
N PHE A 3 2.31 -6.79 -16.52
CA PHE A 3 2.88 -5.47 -16.70
C PHE A 3 3.62 -5.08 -15.42
N ASN A 4 4.89 -4.70 -15.55
CA ASN A 4 5.68 -4.31 -14.39
CA ASN A 4 5.70 -4.32 -14.42
C ASN A 4 5.87 -2.80 -14.33
N TYR A 5 5.51 -2.23 -13.17
CA TYR A 5 5.69 -0.82 -12.91
C TYR A 5 6.55 -0.63 -11.66
N GLU A 6 7.32 0.45 -11.64
CA GLU A 6 8.29 0.68 -10.58
C GLU A 6 8.38 2.17 -10.29
N THR A 7 8.65 2.50 -9.03
CA THR A 7 8.95 3.87 -8.65
C THR A 7 9.64 3.92 -7.29
N GLU A 8 10.23 5.07 -7.00
CA GLU A 8 10.88 5.31 -5.72
C GLU A 8 10.43 6.64 -5.14
N THR A 9 10.39 6.70 -3.81
CA THR A 9 10.06 7.94 -3.11
C THR A 9 10.81 8.00 -1.78
N THR A 10 11.01 9.21 -1.26
CA THR A 10 11.74 9.38 -0.02
C THR A 10 10.81 9.71 1.13
N SER A 11 11.30 9.49 2.34
CA SER A 11 10.55 9.79 3.56
C SER A 11 11.48 10.46 4.56
N VAL A 12 10.92 11.32 5.41
CA VAL A 12 11.69 11.96 6.46
C VAL A 12 11.70 11.08 7.73
N ILE A 13 10.98 9.97 7.65
CA ILE A 13 10.85 9.05 8.79
C ILE A 13 11.85 7.90 8.64
N PRO A 14 12.56 7.56 9.74
CA PRO A 14 13.47 6.40 9.69
C PRO A 14 12.77 5.12 9.22
N ALA A 15 13.53 4.22 8.59
CA ALA A 15 12.97 3.04 7.94
C ALA A 15 12.12 2.16 8.86
N ALA A 16 12.65 1.82 10.03
CA ALA A 16 11.98 0.92 10.96
C ALA A 16 10.69 1.54 11.50
N ARG A 17 10.75 2.81 11.89
CA ARG A 17 9.57 3.44 12.45
C ARG A 17 8.46 3.57 11.39
N LEU A 18 8.87 3.91 10.17
CA LEU A 18 7.91 4.04 9.07
C LEU A 18 7.32 2.67 8.75
N PHE A 19 8.16 1.65 8.72
CA PHE A 19 7.70 0.29 8.45
C PHE A 19 6.69 -0.17 9.52
N LYS A 20 6.99 0.12 10.78
CA LYS A 20 6.07 -0.25 11.87
C LYS A 20 4.72 0.46 11.74
N ALA A 21 4.75 1.73 11.34
CA ALA A 21 3.53 2.55 11.28
C ALA A 21 2.83 2.46 9.91
N PHE A 22 3.52 2.91 8.87
CA PHE A 22 2.96 3.01 7.53
C PHE A 22 2.57 1.65 6.95
N ILE A 23 3.43 0.66 7.18
CA ILE A 23 3.20 -0.69 6.63
C ILE A 23 2.43 -1.60 7.58
N LEU A 24 2.92 -1.73 8.81
CA LEU A 24 2.41 -2.73 9.75
C LEU A 24 1.21 -2.26 10.57
N ASP A 25 0.88 -0.99 10.49
CA ASP A 25 -0.29 -0.48 11.21
C ASP A 25 -1.15 0.41 10.31
N GLY A 26 -1.11 0.14 9.01
CA GLY A 26 -1.95 0.84 8.05
C GLY A 26 -3.43 0.64 8.33
N ASP A 27 -3.76 -0.49 8.96
CA ASP A 27 -5.13 -0.82 9.37
C ASP A 27 -5.74 0.27 10.24
N ASN A 28 -4.93 0.76 11.16
CA ASN A 28 -5.35 1.78 12.12
CA ASN A 28 -5.36 1.78 12.12
C ASN A 28 -5.15 3.20 11.62
N LEU A 29 -4.01 3.45 10.99
CA LEU A 29 -3.62 4.81 10.63
C LEU A 29 -4.34 5.39 9.43
N PHE A 30 -4.48 4.61 8.36
CA PHE A 30 -5.06 5.12 7.11
C PHE A 30 -6.46 5.74 7.29
N PRO A 31 -7.38 5.03 7.96
CA PRO A 31 -8.69 5.67 8.17
C PRO A 31 -8.61 6.87 9.12
N LYS A 32 -7.60 6.87 9.97
CA LYS A 32 -7.45 7.91 10.98
C LYS A 32 -6.81 9.18 10.41
N VAL A 33 -5.72 9.02 9.67
CA VAL A 33 -4.94 10.18 9.20
C VAL A 33 -5.36 10.66 7.82
N ALA A 34 -5.97 9.78 7.03
CA ALA A 34 -6.37 10.11 5.68
C ALA A 34 -7.78 9.61 5.38
N PRO A 35 -8.78 10.08 6.15
CA PRO A 35 -10.15 9.56 6.03
C PRO A 35 -10.78 9.85 4.67
N GLN A 36 -10.30 10.88 3.98
CA GLN A 36 -10.82 11.22 2.67
C GLN A 36 -10.08 10.49 1.55
N ALA A 37 -9.10 9.67 1.94
CA ALA A 37 -8.43 8.75 1.03
C ALA A 37 -8.92 7.31 1.25
N ILE A 38 -9.09 6.92 2.51
CA ILE A 38 -9.58 5.59 2.87
C ILE A 38 -10.58 5.70 4.02
N SER A 39 -11.80 5.18 3.81
CA SER A 39 -12.86 5.30 4.80
C SER A 39 -12.72 4.26 5.92
N SER A 40 -12.35 3.03 5.57
CA SER A 40 -12.20 1.99 6.58
C SER A 40 -11.31 0.83 6.10
N VAL A 41 -10.77 0.10 7.07
CA VAL A 41 -9.98 -1.11 6.79
C VAL A 41 -10.51 -2.23 7.67
N GLU A 42 -10.88 -3.34 7.03
CA GLU A 42 -11.50 -4.48 7.72
C GLU A 42 -10.66 -5.75 7.55
N ASN A 43 -10.26 -6.34 8.68
CA ASN A 43 -9.59 -7.63 8.69
C ASN A 43 -10.60 -8.76 8.47
N ILE A 44 -10.60 -9.33 7.26
CA ILE A 44 -11.51 -10.43 6.93
C ILE A 44 -11.06 -11.73 7.60
N GLU A 45 -9.76 -11.99 7.53
CA GLU A 45 -9.18 -13.21 8.10
C GLU A 45 -7.66 -13.04 8.26
N GLY A 46 -7.12 -13.61 9.34
CA GLY A 46 -5.70 -13.66 9.58
C GLY A 46 -5.19 -12.58 10.51
N ASN A 47 -3.91 -12.64 10.81
CA ASN A 47 -3.24 -11.78 11.77
C ASN A 47 -2.65 -10.48 11.23
N GLY A 48 -2.01 -10.62 10.08
CA GLY A 48 -1.15 -9.63 9.49
C GLY A 48 -0.08 -10.39 8.74
N GLY A 49 0.14 -11.65 9.12
CA GLY A 49 1.09 -12.48 8.42
C GLY A 49 0.58 -12.88 7.06
N PRO A 50 1.42 -13.57 6.29
CA PRO A 50 1.01 -14.10 4.98
C PRO A 50 -0.39 -14.73 5.02
N GLY A 51 -1.19 -14.41 4.02
CA GLY A 51 -2.54 -14.93 3.93
C GLY A 51 -3.64 -14.04 4.48
N THR A 52 -3.28 -13.06 5.31
CA THR A 52 -4.28 -12.14 5.87
C THR A 52 -5.04 -11.42 4.77
N ILE A 53 -6.37 -11.43 4.87
CA ILE A 53 -7.23 -10.76 3.90
C ILE A 53 -7.83 -9.50 4.54
N LYS A 54 -7.67 -8.36 3.87
CA LYS A 54 -8.21 -7.09 4.35
C LYS A 54 -9.07 -6.46 3.26
N LYS A 55 -10.15 -5.79 3.69
CA LYS A 55 -11.03 -5.08 2.76
C LYS A 55 -10.90 -3.58 3.00
N ILE A 56 -10.37 -2.88 2.01
CA ILE A 56 -10.17 -1.44 2.09
C ILE A 56 -11.28 -0.72 1.33
N SER A 57 -12.14 -0.02 2.08
CA SER A 57 -13.22 0.74 1.49
C SER A 57 -12.79 2.19 1.24
N PHE A 58 -13.23 2.75 0.12
CA PHE A 58 -12.88 4.12 -0.25
C PHE A 58 -14.06 5.05 0.01
N PRO A 59 -13.79 6.37 0.16
CA PRO A 59 -14.89 7.31 0.43
C PRO A 59 -15.89 7.35 -0.73
N GLU A 60 -17.10 7.82 -0.46
CA GLU A 60 -18.08 8.02 -1.51
C GLU A 60 -17.51 8.92 -2.60
N GLY A 61 -17.82 8.61 -3.86
CA GLY A 61 -17.38 9.42 -4.98
C GLY A 61 -16.06 8.98 -5.58
N PHE A 62 -15.42 8.00 -4.95
CA PHE A 62 -14.18 7.44 -5.47
C PHE A 62 -14.45 6.47 -6.64
N PRO A 63 -13.48 6.34 -7.57
CA PRO A 63 -13.63 5.49 -8.75
C PRO A 63 -13.98 4.04 -8.42
N PHE A 64 -13.49 3.57 -7.27
CA PHE A 64 -13.75 2.20 -6.81
C PHE A 64 -14.43 2.22 -5.44
N LYS A 65 -15.29 1.24 -5.19
CA LYS A 65 -15.95 1.09 -3.91
C LYS A 65 -14.98 0.52 -2.85
N TYR A 66 -14.21 -0.48 -3.24
CA TYR A 66 -13.28 -1.13 -2.32
C TYR A 66 -12.30 -2.03 -3.07
N VAL A 67 -11.28 -2.51 -2.37
CA VAL A 67 -10.48 -3.65 -2.83
C VAL A 67 -10.19 -4.57 -1.66
N LYS A 68 -9.95 -5.84 -1.97
CA LYS A 68 -9.50 -6.79 -0.96
C LYS A 68 -8.05 -7.13 -1.22
N ASP A 69 -7.21 -6.93 -0.21
CA ASP A 69 -5.79 -7.22 -0.32
C ASP A 69 -5.44 -8.48 0.47
N ARG A 70 -4.47 -9.22 -0.05
CA ARG A 70 -3.94 -10.40 0.64
C ARG A 70 -2.47 -10.15 0.95
N VAL A 71 -2.12 -10.31 2.21
CA VAL A 71 -0.74 -10.20 2.64
C VAL A 71 0.03 -11.39 2.09
N ASP A 72 1.08 -11.12 1.32
CA ASP A 72 1.91 -12.16 0.74
C ASP A 72 3.13 -12.51 1.60
N GLU A 73 3.89 -11.49 2.00
CA GLU A 73 5.11 -11.72 2.76
C GLU A 73 5.46 -10.50 3.61
N VAL A 74 5.97 -10.74 4.81
CA VAL A 74 6.33 -9.66 5.72
C VAL A 74 7.71 -9.91 6.31
N ASP A 75 8.67 -9.06 5.92
CA ASP A 75 10.04 -9.21 6.38
C ASP A 75 10.41 -8.05 7.30
N HIS A 76 10.35 -8.30 8.61
CA HIS A 76 10.62 -7.27 9.60
C HIS A 76 12.08 -6.83 9.62
N THR A 77 12.97 -7.71 9.17
CA THR A 77 14.40 -7.45 9.19
C THR A 77 14.84 -6.51 8.06
N ASN A 78 14.36 -6.80 6.85
CA ASN A 78 14.73 -6.01 5.69
C ASN A 78 13.66 -5.02 5.28
N PHE A 79 12.63 -4.91 6.11
CA PHE A 79 11.50 -4.00 5.90
C PHE A 79 10.86 -4.20 4.53
N LYS A 80 10.62 -5.45 4.18
CA LYS A 80 9.97 -5.81 2.93
C LYS A 80 8.53 -6.24 3.18
N TYR A 81 7.61 -5.70 2.38
CA TYR A 81 6.20 -6.02 2.52
C TYR A 81 5.56 -6.30 1.17
N ASN A 82 5.11 -7.53 1.00
CA ASN A 82 4.49 -7.94 -0.24
C ASN A 82 3.02 -8.23 -0.01
N TYR A 83 2.17 -7.66 -0.87
CA TYR A 83 0.73 -7.84 -0.77
C TYR A 83 0.12 -7.80 -2.17
N SER A 84 -1.05 -8.40 -2.31
CA SER A 84 -1.71 -8.45 -3.61
C SER A 84 -3.15 -7.94 -3.53
N VAL A 85 -3.55 -7.16 -4.52
CA VAL A 85 -4.95 -6.79 -4.72
C VAL A 85 -5.61 -8.00 -5.40
N ILE A 86 -6.51 -8.68 -4.68
CA ILE A 86 -7.08 -9.94 -5.15
C ILE A 86 -8.55 -9.85 -5.54
N GLU A 87 -9.19 -8.74 -5.19
CA GLU A 87 -10.62 -8.57 -5.48
C GLU A 87 -11.07 -7.12 -5.40
N GLY A 88 -12.17 -6.81 -6.09
CA GLY A 88 -12.76 -5.47 -6.05
C GLY A 88 -12.00 -4.48 -6.92
N GLY A 89 -12.55 -3.27 -7.03
CA GLY A 89 -11.95 -2.19 -7.78
C GLY A 89 -11.63 -2.59 -9.22
N PRO A 90 -10.35 -2.52 -9.59
CA PRO A 90 -9.86 -2.85 -10.92
C PRO A 90 -9.91 -4.35 -11.25
N ILE A 91 -10.05 -5.19 -10.22
CA ILE A 91 -10.05 -6.64 -10.40
C ILE A 91 -11.36 -7.16 -11.00
N GLY A 92 -11.23 -7.92 -12.07
CA GLY A 92 -12.38 -8.48 -12.76
C GLY A 92 -11.97 -9.24 -14.01
N ASP A 93 -12.76 -9.09 -15.06
CA ASP A 93 -12.58 -9.86 -16.29
C ASP A 93 -11.41 -9.39 -17.16
N THR A 94 -10.77 -8.31 -16.74
CA THR A 94 -9.62 -7.76 -17.48
C THR A 94 -8.35 -7.79 -16.63
N LEU A 95 -8.50 -7.99 -15.33
CA LEU A 95 -7.38 -7.97 -14.40
C LEU A 95 -7.60 -8.96 -13.27
N GLU A 96 -6.70 -9.93 -13.17
CA GLU A 96 -6.85 -11.01 -12.19
C GLU A 96 -6.25 -10.64 -10.83
N LYS A 97 -5.12 -9.94 -10.85
CA LYS A 97 -4.40 -9.65 -9.61
C LYS A 97 -3.34 -8.56 -9.81
N ILE A 98 -3.12 -7.76 -8.77
CA ILE A 98 -2.01 -6.81 -8.74
C ILE A 98 -1.09 -7.19 -7.58
N SER A 99 0.08 -7.73 -7.88
CA SER A 99 1.07 -8.09 -6.87
CA SER A 99 1.06 -8.09 -6.85
C SER A 99 2.03 -6.95 -6.60
N ASN A 100 2.09 -6.50 -5.34
CA ASN A 100 2.93 -5.37 -4.97
C ASN A 100 4.06 -5.78 -4.04
N GLU A 101 5.23 -5.18 -4.24
CA GLU A 101 6.38 -5.44 -3.36
C GLU A 101 6.96 -4.12 -2.88
N ILE A 102 6.95 -3.91 -1.56
CA ILE A 102 7.48 -2.68 -0.96
C ILE A 102 8.76 -2.97 -0.17
N LYS A 103 9.77 -2.12 -0.35
CA LYS A 103 10.98 -2.19 0.47
C LYS A 103 11.39 -0.81 0.96
N ILE A 104 11.74 -0.73 2.24
CA ILE A 104 12.14 0.54 2.83
C ILE A 104 13.59 0.49 3.28
N VAL A 105 14.39 1.41 2.77
CA VAL A 105 15.81 1.43 3.06
C VAL A 105 16.16 2.69 3.86
N ALA A 106 16.98 2.52 4.90
CA ALA A 106 17.49 3.63 5.69
C ALA A 106 18.44 4.51 4.89
N THR A 107 18.42 5.81 5.17
CA THR A 107 19.37 6.76 4.60
C THR A 107 20.16 7.39 5.75
N PRO A 108 21.42 7.79 5.51
CA PRO A 108 22.27 8.28 6.60
C PRO A 108 21.77 9.55 7.28
N ASP A 109 20.94 10.33 6.59
CA ASP A 109 20.43 11.59 7.15
C ASP A 109 19.29 11.37 8.14
N GLY A 110 18.83 10.13 8.28
CA GLY A 110 17.78 9.80 9.25
C GLY A 110 16.44 9.56 8.59
N GLY A 111 16.37 9.75 7.28
CA GLY A 111 15.15 9.47 6.54
C GLY A 111 15.11 8.03 6.06
N SER A 112 14.34 7.80 5.00
CA SER A 112 14.27 6.50 4.38
C SER A 112 13.86 6.62 2.91
N ILE A 113 14.06 5.54 2.16
CA ILE A 113 13.69 5.49 0.76
C ILE A 113 12.74 4.31 0.55
N LEU A 114 11.61 4.58 -0.10
CA LEU A 114 10.67 3.53 -0.44
C LEU A 114 10.84 3.09 -1.88
N LYS A 115 10.91 1.78 -2.08
CA LYS A 115 10.93 1.20 -3.42
C LYS A 115 9.70 0.30 -3.56
N ILE A 116 8.84 0.64 -4.50
CA ILE A 116 7.63 -0.14 -4.74
C ILE A 116 7.59 -0.71 -6.15
N SER A 117 7.29 -2.00 -6.24
CA SER A 117 7.12 -2.69 -7.51
C SER A 117 5.69 -3.17 -7.65
N ASN A 118 5.05 -2.81 -8.76
CA ASN A 118 3.69 -3.26 -9.06
C ASN A 118 3.67 -4.17 -10.28
N LYS A 119 3.02 -5.32 -10.14
CA LYS A 119 2.84 -6.26 -11.25
C LYS A 119 1.35 -6.46 -11.53
N TYR A 120 0.91 -6.04 -12.70
CA TYR A 120 -0.47 -6.23 -13.07
C TYR A 120 -0.60 -7.56 -13.83
N HIS A 121 -1.31 -8.51 -13.24
CA HIS A 121 -1.60 -9.81 -13.86
C HIS A 121 -2.91 -9.73 -14.67
N THR A 122 -2.78 -9.61 -15.98
CA THR A 122 -3.95 -9.58 -16.84
C THR A 122 -4.26 -10.91 -17.49
N LYS A 123 -5.55 -11.12 -17.76
CA LYS A 123 -6.07 -12.42 -18.14
C LYS A 123 -6.00 -12.70 -19.62
N GLY A 124 -7.00 -12.17 -20.32
CA GLY A 124 -6.98 -12.04 -21.77
C GLY A 124 -6.27 -10.72 -21.84
N ASP A 125 -5.59 -10.45 -22.95
CA ASP A 125 -4.57 -9.40 -22.99
C ASP A 125 -5.08 -7.96 -22.91
N HIS A 126 -5.74 -7.58 -21.81
CA HIS A 126 -6.12 -6.18 -21.63
C HIS A 126 -4.84 -5.32 -21.72
N GLU A 127 -4.95 -4.03 -21.97
CA GLU A 127 -3.83 -3.15 -21.77
C GLU A 127 -4.12 -2.47 -20.45
N VAL A 128 -3.06 -2.26 -19.66
CA VAL A 128 -3.17 -1.49 -18.46
C VAL A 128 -2.90 -0.02 -18.85
N LYS A 129 -3.73 0.88 -18.34
CA LYS A 129 -3.66 2.30 -18.68
C LYS A 129 -2.73 3.07 -17.76
N ALA A 130 -2.01 4.03 -18.33
CA ALA A 130 -1.07 4.88 -17.59
C ALA A 130 -1.76 5.65 -16.45
N GLU A 131 -3.01 6.04 -16.67
CA GLU A 131 -3.78 6.78 -15.68
C GLU A 131 -4.26 5.91 -14.53
N GLN A 132 -4.14 4.59 -14.67
CA GLN A 132 -4.57 3.72 -13.59
C GLN A 132 -3.42 3.66 -12.60
N VAL A 133 -2.20 3.40 -13.11
CA VAL A 133 -0.97 3.35 -12.30
C VAL A 133 -0.67 4.70 -11.65
N LYS A 134 -0.83 5.77 -12.43
CA LYS A 134 -0.63 7.13 -11.96
C LYS A 134 -1.59 7.49 -10.83
N ALA A 135 -2.82 6.99 -10.90
CA ALA A 135 -3.81 7.20 -9.84
C ALA A 135 -3.41 6.46 -8.58
N SER A 136 -3.00 5.20 -8.75
CA SER A 136 -2.54 4.37 -7.64
CA SER A 136 -2.53 4.36 -7.64
C SER A 136 -1.30 4.97 -6.95
N LYS A 137 -0.41 5.55 -7.75
CA LYS A 137 0.79 6.20 -7.20
C LYS A 137 0.40 7.42 -6.36
N GLU A 138 -0.58 8.18 -6.86
CA GLU A 138 -1.11 9.34 -6.14
C GLU A 138 -1.71 8.94 -4.80
N MET A 139 -2.45 7.84 -4.78
CA MET A 139 -3.05 7.31 -3.56
C MET A 139 -1.96 6.96 -2.54
N GLY A 140 -0.97 6.20 -2.99
CA GLY A 140 0.13 5.79 -2.13
C GLY A 140 0.88 6.99 -1.55
N GLU A 141 1.12 7.97 -2.41
CA GLU A 141 1.80 9.20 -2.01
C GLU A 141 1.00 9.97 -0.96
N THR A 142 -0.31 10.09 -1.18
CA THR A 142 -1.22 10.76 -0.23
C THR A 142 -1.20 10.06 1.14
N LEU A 143 -1.20 8.72 1.11
CA LEU A 143 -1.13 7.93 2.34
C LEU A 143 0.19 8.12 3.06
N LEU A 144 1.29 8.09 2.31
CA LEU A 144 2.62 8.27 2.89
C LEU A 144 2.77 9.61 3.60
N ARG A 145 2.42 10.70 2.90
CA ARG A 145 2.56 12.05 3.47
C ARG A 145 1.66 12.25 4.70
N ALA A 146 0.45 11.71 4.65
CA ALA A 146 -0.47 11.83 5.78
C ALA A 146 0.04 11.06 7.00
N VAL A 147 0.62 9.88 6.78
CA VAL A 147 1.21 9.09 7.87
C VAL A 147 2.48 9.78 8.37
N GLU A 148 3.30 10.24 7.42
CA GLU A 148 4.50 10.99 7.73
C GLU A 148 4.22 12.14 8.70
N SER A 149 3.23 12.97 8.35
CA SER A 149 2.87 14.14 9.17
C SER A 149 2.41 13.73 10.56
N TYR A 150 1.61 12.66 10.63
CA TYR A 150 1.16 12.14 11.91
C TYR A 150 2.34 11.74 12.79
N LEU A 151 3.31 11.05 12.21
CA LEU A 151 4.46 10.55 12.96
C LEU A 151 5.37 11.67 13.45
N LEU A 152 5.41 12.76 12.70
CA LEU A 152 6.17 13.95 13.10
C LEU A 152 5.50 14.62 14.30
N ALA A 153 4.17 14.60 14.30
CA ALA A 153 3.38 15.28 15.34
C ALA A 153 3.12 14.38 16.54
N HIS A 154 3.36 13.09 16.40
CA HIS A 154 3.14 12.15 17.49
C HIS A 154 4.42 11.38 17.78
N SER A 155 5.34 12.05 18.47
CA SER A 155 6.68 11.55 18.72
C SER A 155 6.69 10.26 19.53
N ASP A 156 5.70 10.09 20.41
CA ASP A 156 5.66 8.92 21.28
C ASP A 156 5.17 7.65 20.58
N ALA A 157 4.63 7.79 19.37
CA ALA A 157 4.01 6.66 18.67
C ALA A 157 5.01 5.90 17.79
N TYR A 158 4.92 4.57 17.85
CA TYR A 158 5.70 3.66 17.00
C TYR A 158 7.21 3.73 17.20
N ASN A 159 7.63 3.95 18.45
CA ASN A 159 9.06 3.94 18.79
C ASN A 159 9.58 2.53 19.08
#